data_3N5L
#
_entry.id   3N5L
#
_cell.length_a   98.890
_cell.length_b   98.890
_cell.length_c   170.790
_cell.angle_alpha   90.000
_cell.angle_beta   90.000
_cell.angle_gamma   120.000
#
_symmetry.space_group_name_H-M   'P 32 2 1'
#
loop_
_entity.id
_entity.type
_entity.pdbx_description
1 polymer 'Binding protein component of ABC phosphonate transporter'
2 non-polymer 'UNKNOWN LIGAND'
3 non-polymer 'SULFATE ION'
4 non-polymer 1,2-ETHANEDIOL
5 non-polymer 'CHLORIDE ION'
6 water water
#
_entity_poly.entity_id   1
_entity_poly.type   'polypeptide(L)'
_entity_poly.pdbx_seq_one_letter_code
;GDQPVINFGIISTESSQNLKSIWEPFLKD(MSE)SQQTGYQVKAFFAPDYAGIIQG(MSE)RFDKVDIAWYGNKAA
(MSE)EAVDRAHGEIFAQTVAASGAPGYWSLLIANKDSKIDSLED(MSE)LANAKSLTFGNGDPNSTSGYLVPGYYVFAK
NNVDPVKAFKRTLNSSHEVNALAVANKQVDVATFNTEG(MSE)ERLELTQPEKARQLKVIWKSPLIPGDPLVWRNNLSDE
QKNKLRDFFFKYGANAEQKKVLADLQWSKFQASDDDQLLPIRQLELFKQRTDVANNANLGAEEKAAKLKALDEELAKLEK
R(MSE)AEREQKTAANAG
;
_entity_poly.pdbx_strand_id   A,B
#
# COMPACT_ATOMS: atom_id res chain seq x y z
N ASP A 2 -4.57 -27.70 -27.52
CA ASP A 2 -6.03 -27.74 -27.21
C ASP A 2 -6.26 -27.88 -25.69
N GLN A 3 -5.45 -27.17 -24.88
CA GLN A 3 -5.69 -27.14 -23.41
C GLN A 3 -6.90 -26.27 -23.05
N PRO A 4 -7.71 -26.70 -22.06
CA PRO A 4 -8.96 -26.00 -21.73
C PRO A 4 -8.72 -24.54 -21.30
N VAL A 5 -9.67 -23.66 -21.65
CA VAL A 5 -9.55 -22.19 -21.47
C VAL A 5 -10.29 -21.73 -20.21
N ILE A 6 -9.66 -20.87 -19.42
CA ILE A 6 -10.33 -20.17 -18.31
C ILE A 6 -10.36 -18.69 -18.71
N ASN A 7 -11.56 -18.12 -18.80
CA ASN A 7 -11.74 -16.71 -19.09
C ASN A 7 -11.86 -15.97 -17.77
N PHE A 8 -10.88 -15.11 -17.51
CA PHE A 8 -10.75 -14.41 -16.25
C PHE A 8 -11.17 -12.94 -16.38
N GLY A 9 -12.30 -12.59 -15.77
CA GLY A 9 -12.83 -11.24 -15.83
C GLY A 9 -12.11 -10.31 -14.86
N ILE A 10 -11.80 -9.11 -15.33
CA ILE A 10 -11.05 -8.09 -14.61
C ILE A 10 -11.85 -6.78 -14.81
N ILE A 11 -12.44 -6.27 -13.73
CA ILE A 11 -13.25 -5.06 -13.77
C ILE A 11 -12.44 -3.82 -14.20
N SER A 12 -13.13 -2.88 -14.81
CA SER A 12 -12.54 -1.71 -15.47
C SER A 12 -12.19 -0.58 -14.51
N THR A 13 -11.37 -0.86 -13.51
CA THR A 13 -10.92 0.19 -12.60
C THR A 13 -9.99 1.17 -13.28
N GLU A 14 -9.27 0.67 -14.29
CA GLU A 14 -8.26 1.39 -15.05
C GLU A 14 -8.35 0.90 -16.49
N SER A 15 -7.61 1.54 -17.39
CA SER A 15 -7.61 1.12 -18.80
C SER A 15 -7.11 -0.32 -18.90
N SER A 16 -7.54 -1.03 -19.94
CA SER A 16 -7.10 -2.41 -20.14
CA SER A 16 -7.11 -2.42 -20.13
C SER A 16 -5.60 -2.50 -20.35
N GLN A 17 -5.02 -1.52 -21.01
CA GLN A 17 -3.58 -1.48 -21.20
C GLN A 17 -2.83 -1.44 -19.85
N ASN A 18 -3.26 -0.58 -18.92
CA ASN A 18 -2.72 -0.57 -17.58
C ASN A 18 -2.91 -1.91 -16.86
N LEU A 19 -4.11 -2.47 -16.90
CA LEU A 19 -4.42 -3.72 -16.22
C LEU A 19 -3.62 -4.89 -16.76
N LYS A 20 -3.46 -5.00 -18.07
CA LYS A 20 -2.64 -6.05 -18.65
C LYS A 20 -1.24 -6.06 -18.07
N SER A 21 -0.63 -4.90 -17.89
CA SER A 21 0.76 -4.91 -17.43
C SER A 21 0.88 -5.60 -16.06
N ILE A 22 -0.12 -5.47 -15.19
CA ILE A 22 -0.05 -6.14 -13.87
C ILE A 22 -0.79 -7.48 -13.79
N TRP A 23 -1.80 -7.68 -14.65
CA TRP A 23 -2.59 -8.91 -14.67
C TRP A 23 -1.98 -10.03 -15.51
N GLU A 24 -1.38 -9.68 -16.62
CA GLU A 24 -0.78 -10.71 -17.49
C GLU A 24 0.26 -11.65 -16.79
N PRO A 25 1.18 -11.09 -15.98
CA PRO A 25 2.09 -11.97 -15.25
C PRO A 25 1.40 -12.93 -14.32
N PHE A 26 0.35 -12.46 -13.67
CA PHE A 26 -0.44 -13.31 -12.77
C PHE A 26 -1.16 -14.44 -13.54
N LEU A 27 -1.82 -14.08 -14.64
CA LEU A 27 -2.58 -15.05 -15.42
C LEU A 27 -1.64 -16.09 -16.08
N LYS A 28 -0.45 -15.65 -16.42
CA LYS A 28 0.57 -16.55 -16.98
C LYS A 28 0.95 -17.60 -15.92
N ASP A 29 1.18 -17.16 -14.68
CA ASP A 29 1.46 -18.06 -13.57
C ASP A 29 0.30 -19.01 -13.31
N SER A 31 -1.90 -20.00 -15.51
CA SER A 31 -1.85 -20.95 -16.66
C SER A 31 -0.83 -22.07 -16.44
N GLN A 32 0.38 -21.67 -16.08
CA GLN A 32 1.47 -22.60 -15.81
C GLN A 32 1.12 -23.56 -14.69
N GLN A 33 0.61 -23.06 -13.57
CA GLN A 33 0.35 -23.92 -12.40
CA GLN A 33 0.34 -23.91 -12.40
C GLN A 33 -0.86 -24.81 -12.59
N THR A 34 -1.92 -24.29 -13.20
CA THR A 34 -3.14 -25.09 -13.33
C THR A 34 -3.16 -25.98 -14.56
N GLY A 35 -2.35 -25.67 -15.57
CA GLY A 35 -2.45 -26.33 -16.89
C GLY A 35 -3.57 -25.84 -17.81
N TYR A 36 -4.37 -24.85 -17.38
CA TYR A 36 -5.32 -24.18 -18.25
C TYR A 36 -4.68 -23.01 -18.99
N GLN A 37 -5.22 -22.67 -20.15
CA GLN A 37 -4.86 -21.41 -20.79
C GLN A 37 -5.80 -20.35 -20.22
N VAL A 38 -5.25 -19.39 -19.50
CA VAL A 38 -6.07 -18.37 -18.84
C VAL A 38 -6.01 -17.12 -19.70
N LYS A 39 -7.17 -16.63 -20.12
CA LYS A 39 -7.25 -15.43 -20.91
C LYS A 39 -8.03 -14.35 -20.16
N ALA A 40 -7.50 -13.12 -20.18
CA ALA A 40 -8.15 -11.97 -19.59
C ALA A 40 -9.42 -11.65 -20.35
N PHE A 41 -10.47 -11.27 -19.63
CA PHE A 41 -11.69 -10.75 -20.22
C PHE A 41 -11.88 -9.33 -19.63
N PHE A 42 -11.77 -8.31 -20.49
CA PHE A 42 -12.04 -6.93 -20.12
C PHE A 42 -13.39 -6.46 -20.68
N ALA A 43 -13.90 -5.36 -20.12
CA ALA A 43 -15.11 -4.73 -20.65
C ALA A 43 -15.11 -3.22 -20.35
N PRO A 44 -16.00 -2.48 -21.00
CA PRO A 44 -16.00 -1.04 -20.75
C PRO A 44 -16.53 -0.64 -19.40
N ASP A 45 -17.33 -1.50 -18.76
CA ASP A 45 -17.86 -1.20 -17.47
C ASP A 45 -17.96 -2.52 -16.71
N TYR A 46 -18.32 -2.46 -15.44
CA TYR A 46 -18.38 -3.67 -14.61
C TYR A 46 -19.53 -4.58 -15.07
N ALA A 47 -20.62 -3.97 -15.55
CA ALA A 47 -21.75 -4.74 -16.10
C ALA A 47 -21.30 -5.74 -17.17
N GLY A 48 -20.32 -5.38 -17.98
CA GLY A 48 -19.83 -6.30 -19.02
C GLY A 48 -19.26 -7.62 -18.47
N ILE A 49 -18.64 -7.54 -17.31
CA ILE A 49 -18.04 -8.72 -16.65
C ILE A 49 -19.17 -9.55 -16.03
N ILE A 50 -20.06 -8.89 -15.31
CA ILE A 50 -21.21 -9.54 -14.65
C ILE A 50 -22.10 -10.27 -15.68
N GLN A 51 -22.47 -9.59 -16.77
CA GLN A 51 -23.28 -10.21 -17.81
C GLN A 51 -22.51 -11.28 -18.60
N GLY A 52 -21.21 -11.06 -18.82
CA GLY A 52 -20.37 -12.09 -19.42
C GLY A 52 -20.43 -13.37 -18.58
N ARG A 54 -22.81 -14.25 -16.40
CA ARG A 54 -24.16 -14.73 -16.51
C ARG A 54 -24.36 -15.65 -17.72
N PHE A 55 -23.70 -15.37 -18.83
CA PHE A 55 -23.80 -16.22 -20.04
C PHE A 55 -22.57 -17.11 -20.30
N ASP A 56 -21.86 -17.40 -19.21
CA ASP A 56 -20.73 -18.33 -19.19
C ASP A 56 -19.57 -17.95 -20.10
N LYS A 57 -19.42 -16.67 -20.39
CA LYS A 57 -18.27 -16.17 -21.18
C LYS A 57 -17.10 -15.82 -20.24
N VAL A 58 -17.41 -15.63 -18.97
CA VAL A 58 -16.44 -15.34 -17.94
C VAL A 58 -16.57 -16.47 -16.90
N ASP A 59 -15.47 -17.12 -16.56
CA ASP A 59 -15.48 -18.27 -15.66
C ASP A 59 -15.22 -17.89 -14.21
N ILE A 60 -14.30 -16.95 -14.03
CA ILE A 60 -13.92 -16.45 -12.75
C ILE A 60 -13.60 -14.97 -12.92
N ALA A 61 -13.80 -14.16 -11.87
CA ALA A 61 -13.52 -12.75 -11.96
C ALA A 61 -13.07 -12.14 -10.64
N TRP A 62 -12.24 -11.11 -10.77
CA TRP A 62 -11.95 -10.15 -9.72
C TRP A 62 -13.00 -9.04 -9.83
N TYR A 63 -13.81 -8.93 -8.80
CA TYR A 63 -14.90 -7.96 -8.74
C TYR A 63 -14.69 -7.10 -7.49
N GLY A 64 -15.26 -5.91 -7.47
CA GLY A 64 -15.54 -5.22 -6.20
C GLY A 64 -16.72 -5.87 -5.51
N ASN A 65 -16.97 -5.49 -4.27
CA ASN A 65 -18.03 -6.13 -3.50
C ASN A 65 -19.44 -5.96 -4.08
N LYS A 66 -19.78 -4.78 -4.57
CA LYS A 66 -21.10 -4.56 -5.18
C LYS A 66 -21.26 -5.41 -6.42
N ALA A 67 -20.25 -5.45 -7.29
CA ALA A 67 -20.35 -6.26 -8.50
C ALA A 67 -20.44 -7.76 -8.17
N ALA A 68 -19.70 -8.18 -7.12
CA ALA A 68 -19.79 -9.58 -6.65
C ALA A 68 -21.22 -9.89 -6.18
N GLU A 70 -24.03 -8.48 -7.28
CA GLU A 70 -24.80 -8.57 -8.51
C GLU A 70 -24.50 -9.90 -9.21
N ALA A 71 -23.26 -10.36 -9.15
CA ALA A 71 -22.90 -11.62 -9.84
C ALA A 71 -23.56 -12.82 -9.15
N VAL A 72 -23.52 -12.82 -7.81
CA VAL A 72 -24.21 -13.84 -7.01
C VAL A 72 -25.70 -13.80 -7.30
N ASP A 73 -26.29 -12.63 -7.34
CA ASP A 73 -27.75 -12.50 -7.52
C ASP A 73 -28.21 -12.70 -8.96
N ARG A 74 -27.41 -12.33 -9.94
CA ARG A 74 -27.90 -12.33 -11.33
C ARG A 74 -27.08 -13.19 -12.27
N ALA A 75 -25.90 -13.66 -11.86
CA ALA A 75 -24.98 -14.24 -12.81
C ALA A 75 -24.48 -15.62 -12.34
N HIS A 76 -25.23 -16.24 -11.43
CA HIS A 76 -24.92 -17.57 -10.91
CA HIS A 76 -24.93 -17.55 -10.82
C HIS A 76 -23.51 -17.65 -10.25
N GLY A 77 -23.05 -16.54 -9.69
CA GLY A 77 -21.72 -16.45 -9.12
C GLY A 77 -21.66 -16.96 -7.69
N GLU A 78 -20.45 -17.29 -7.27
CA GLU A 78 -20.15 -17.70 -5.91
C GLU A 78 -18.76 -17.19 -5.53
N ILE A 79 -18.66 -16.56 -4.37
CA ILE A 79 -17.37 -16.14 -3.79
C ILE A 79 -16.63 -17.34 -3.22
N PHE A 80 -15.36 -17.46 -3.57
CA PHE A 80 -14.52 -18.52 -3.03
C PHE A 80 -13.26 -17.98 -2.41
N ALA A 81 -12.93 -16.72 -2.63
CA ALA A 81 -11.71 -16.15 -2.09
C ALA A 81 -11.79 -14.65 -1.95
N GLN A 82 -10.86 -14.11 -1.17
CA GLN A 82 -10.80 -12.66 -0.97
C GLN A 82 -9.35 -12.20 -1.01
N THR A 83 -9.12 -11.07 -1.68
CA THR A 83 -7.85 -10.41 -1.71
C THR A 83 -7.55 -9.70 -0.39
N VAL A 84 -6.25 -9.62 -0.06
CA VAL A 84 -5.81 -8.88 1.12
C VAL A 84 -4.76 -7.87 0.68
N ALA A 85 -4.89 -6.65 1.17
CA ALA A 85 -4.06 -5.53 0.76
C ALA A 85 -2.57 -5.82 1.04
N ALA A 86 -1.71 -5.36 0.15
CA ALA A 86 -0.25 -5.50 0.33
C ALA A 86 0.19 -4.88 1.68
N SER A 87 -0.43 -3.77 2.07
CA SER A 87 -0.13 -3.08 3.31
C SER A 87 -0.56 -3.84 4.55
N GLY A 88 -1.37 -4.87 4.40
CA GLY A 88 -1.99 -5.52 5.53
C GLY A 88 -3.29 -4.84 6.00
N ALA A 89 -3.70 -3.74 5.36
CA ALA A 89 -5.00 -3.10 5.68
C ALA A 89 -6.12 -4.12 5.57
N PRO A 90 -7.14 -4.01 6.45
CA PRO A 90 -8.24 -4.95 6.38
C PRO A 90 -9.31 -4.54 5.34
N GLY A 91 -8.99 -3.60 4.45
CA GLY A 91 -9.92 -3.15 3.41
C GLY A 91 -9.38 -1.91 2.76
N TYR A 92 -10.24 -1.14 2.10
CA TYR A 92 -9.85 0.08 1.41
C TYR A 92 -10.97 1.11 1.62
N TRP A 93 -10.79 2.30 1.07
CA TRP A 93 -11.74 3.39 1.32
C TRP A 93 -12.17 4.10 0.05
N SER A 94 -13.42 4.57 0.04
CA SER A 94 -13.92 5.43 -1.02
C SER A 94 -13.49 6.87 -0.75
N LEU A 95 -13.30 7.62 -1.82
CA LEU A 95 -12.91 9.02 -1.77
C LEU A 95 -13.83 9.89 -2.65
N LEU A 96 -13.97 11.15 -2.25
CA LEU A 96 -14.29 12.20 -3.19
C LEU A 96 -13.02 13.01 -3.45
N ILE A 97 -12.78 13.29 -4.73
CA ILE A 97 -11.62 14.06 -5.19
C ILE A 97 -12.05 15.34 -5.89
N ALA A 98 -11.24 16.38 -5.75
CA ALA A 98 -11.40 17.66 -6.45
C ALA A 98 -9.99 18.03 -6.94
N ASN A 99 -9.91 19.04 -7.81
CA ASN A 99 -8.62 19.50 -8.27
C ASN A 99 -7.98 20.29 -7.14
N LYS A 100 -6.65 20.22 -7.04
CA LYS A 100 -5.93 20.97 -5.99
C LYS A 100 -6.21 22.48 -6.02
N ASP A 101 -6.57 23.03 -7.18
CA ASP A 101 -6.90 24.45 -7.26
C ASP A 101 -8.33 24.77 -6.90
N SER A 102 -9.16 23.76 -6.66
CA SER A 102 -10.56 24.03 -6.36
C SER A 102 -10.77 24.64 -4.98
N LYS A 103 -11.75 25.52 -4.90
CA LYS A 103 -12.23 26.07 -3.64
C LYS A 103 -13.17 25.11 -2.91
N ILE A 104 -13.58 24.01 -3.57
CA ILE A 104 -14.35 22.98 -2.90
C ILE A 104 -13.33 22.17 -2.10
N ASP A 105 -13.46 22.21 -0.78
CA ASP A 105 -12.50 21.51 0.07
CA ASP A 105 -12.50 21.61 0.16
C ASP A 105 -13.12 20.52 1.04
N SER A 106 -14.43 20.31 0.92
CA SER A 106 -15.14 19.44 1.84
C SER A 106 -16.45 19.01 1.24
N LEU A 107 -17.04 18.01 1.86
CA LEU A 107 -18.36 17.54 1.51
C LEU A 107 -19.36 18.68 1.63
N GLU A 108 -19.29 19.46 2.71
CA GLU A 108 -20.24 20.56 2.89
CA GLU A 108 -20.22 20.57 2.91
C GLU A 108 -20.09 21.61 1.79
N ASP A 109 -18.84 21.90 1.38
CA ASP A 109 -18.64 22.87 0.28
C ASP A 109 -19.30 22.35 -0.99
N LEU A 111 -21.84 20.09 -1.36
CA LEU A 111 -23.31 20.07 -1.26
C LEU A 111 -23.88 21.49 -1.31
N ALA A 112 -23.22 22.42 -0.63
CA ALA A 112 -23.65 23.82 -0.59
C ALA A 112 -23.62 24.46 -1.98
N ASN A 113 -22.70 24.00 -2.84
CA ASN A 113 -22.48 24.60 -4.16
C ASN A 113 -22.87 23.71 -5.36
N ALA A 114 -23.59 22.63 -5.10
CA ALA A 114 -23.82 21.58 -6.08
C ALA A 114 -24.29 22.11 -7.43
N LYS A 115 -25.26 23.01 -7.42
CA LYS A 115 -25.87 23.52 -8.67
C LYS A 115 -24.86 24.14 -9.64
N SER A 116 -23.72 24.57 -9.11
CA SER A 116 -22.67 25.18 -9.93
CA SER A 116 -22.69 25.18 -9.94
C SER A 116 -21.59 24.20 -10.32
N LEU A 117 -21.68 22.95 -9.87
CA LEU A 117 -20.59 21.96 -10.07
C LEU A 117 -20.95 20.81 -11.00
N THR A 118 -19.92 20.26 -11.62
CA THR A 118 -20.06 19.06 -12.40
CA THR A 118 -20.02 19.06 -12.42
C THR A 118 -19.52 17.90 -11.54
N PHE A 119 -20.25 16.79 -11.54
CA PHE A 119 -19.93 15.65 -10.68
C PHE A 119 -19.70 14.40 -11.52
N GLY A 120 -18.54 13.79 -11.33
CA GLY A 120 -18.25 12.49 -11.92
C GLY A 120 -18.64 11.36 -10.97
N ASN A 121 -19.83 10.79 -11.15
CA ASN A 121 -20.23 9.67 -10.35
C ASN A 121 -19.54 8.43 -10.90
N GLY A 122 -19.63 7.32 -10.17
CA GLY A 122 -18.93 6.13 -10.59
C GLY A 122 -19.78 5.18 -11.41
N ASP A 123 -19.16 4.08 -11.77
CA ASP A 123 -19.81 2.95 -12.42
C ASP A 123 -20.95 2.51 -11.49
N PRO A 124 -22.18 2.32 -12.02
CA PRO A 124 -23.29 1.98 -11.11
C PRO A 124 -23.12 0.65 -10.40
N ASN A 125 -22.20 -0.20 -10.87
CA ASN A 125 -21.89 -1.45 -10.13
C ASN A 125 -20.64 -1.38 -9.25
N SER A 126 -20.15 -0.16 -8.98
CA SER A 126 -18.97 0.07 -8.12
C SER A 126 -19.36 0.30 -6.67
N THR A 127 -18.63 -0.34 -5.77
CA THR A 127 -18.81 -0.16 -4.35
C THR A 127 -18.34 1.25 -3.93
N SER A 128 -17.07 1.54 -4.19
CA SER A 128 -16.46 2.81 -3.78
C SER A 128 -16.88 3.95 -4.69
N GLY A 129 -17.26 3.63 -5.93
CA GLY A 129 -17.54 4.66 -6.90
C GLY A 129 -18.99 5.11 -6.95
N TYR A 130 -19.88 4.31 -6.35
CA TYR A 130 -21.32 4.53 -6.46
C TYR A 130 -22.09 4.24 -5.20
N LEU A 131 -22.03 3.00 -4.71
CA LEU A 131 -22.82 2.61 -3.53
C LEU A 131 -22.45 3.39 -2.26
N VAL A 132 -21.17 3.40 -1.93
CA VAL A 132 -20.68 3.99 -0.65
C VAL A 132 -20.94 5.50 -0.57
N PRO A 133 -20.43 6.29 -1.53
CA PRO A 133 -20.80 7.69 -1.55
C PRO A 133 -22.30 7.89 -1.77
N GLY A 134 -22.91 7.02 -2.57
CA GLY A 134 -24.35 7.09 -2.80
C GLY A 134 -25.13 7.12 -1.50
N TYR A 135 -24.69 6.31 -0.53
CA TYR A 135 -25.33 6.30 0.77
C TYR A 135 -24.82 7.44 1.69
N TYR A 136 -23.52 7.44 1.99
CA TYR A 136 -23.01 8.36 3.02
C TYR A 136 -22.97 9.82 2.59
N VAL A 137 -22.74 10.06 1.32
CA VAL A 137 -22.68 11.44 0.84
C VAL A 137 -24.08 11.93 0.44
N PHE A 138 -24.75 11.15 -0.39
CA PHE A 138 -25.99 11.60 -1.02
C PHE A 138 -27.31 11.25 -0.29
N ALA A 139 -27.56 9.98 -0.05
CA ALA A 139 -28.81 9.58 0.59
C ALA A 139 -28.90 10.18 2.01
N LYS A 140 -27.83 10.11 2.78
CA LYS A 140 -27.88 10.55 4.17
CA LYS A 140 -27.86 10.55 4.17
C LYS A 140 -28.13 12.05 4.28
N ASN A 141 -27.68 12.81 3.27
CA ASN A 141 -27.85 14.25 3.22
C ASN A 141 -29.02 14.75 2.33
N ASN A 142 -29.82 13.81 1.84
CA ASN A 142 -30.96 14.04 1.00
C ASN A 142 -30.59 14.94 -0.19
N VAL A 143 -29.52 14.60 -0.89
CA VAL A 143 -29.13 15.32 -2.10
C VAL A 143 -29.03 14.26 -3.18
N ASP A 144 -29.75 14.48 -4.28
CA ASP A 144 -29.82 13.49 -5.38
C ASP A 144 -28.81 13.89 -6.46
N PRO A 145 -27.80 13.05 -6.68
CA PRO A 145 -26.79 13.40 -7.66
C PRO A 145 -27.33 13.48 -9.07
N VAL A 146 -28.46 12.87 -9.38
CA VAL A 146 -28.98 13.02 -10.75
C VAL A 146 -29.68 14.35 -10.99
N LYS A 147 -29.97 15.12 -9.92
CA LYS A 147 -30.66 16.43 -10.02
C LYS A 147 -29.87 17.62 -9.48
N ALA A 148 -28.96 17.40 -8.54
CA ALA A 148 -28.39 18.49 -7.75
C ALA A 148 -27.31 19.25 -8.50
N PHE A 149 -26.62 18.59 -9.42
CA PHE A 149 -25.46 19.19 -10.06
C PHE A 149 -25.79 19.82 -11.40
N LYS A 150 -24.89 20.68 -11.87
CA LYS A 150 -24.99 21.29 -13.20
C LYS A 150 -25.03 20.18 -14.22
N ARG A 151 -24.19 19.17 -14.00
CA ARG A 151 -24.07 18.03 -14.90
CA ARG A 151 -24.00 18.07 -14.93
C ARG A 151 -23.39 16.90 -14.12
N THR A 152 -23.80 15.66 -14.43
CA THR A 152 -23.16 14.45 -13.91
CA THR A 152 -23.18 14.45 -13.90
C THR A 152 -22.79 13.50 -15.04
N LEU A 153 -21.77 12.69 -14.79
CA LEU A 153 -21.32 11.64 -15.66
C LEU A 153 -21.20 10.37 -14.82
N ASN A 154 -21.10 9.20 -15.46
CA ASN A 154 -20.78 7.96 -14.75
C ASN A 154 -19.62 7.35 -15.50
N SER A 155 -18.52 7.15 -14.77
CA SER A 155 -17.24 6.77 -15.34
C SER A 155 -16.48 5.87 -14.40
N SER A 156 -15.48 5.17 -14.95
CA SER A 156 -14.58 4.35 -14.16
C SER A 156 -13.75 5.20 -13.22
N HIS A 157 -13.11 4.56 -12.26
CA HIS A 157 -12.25 5.27 -11.33
C HIS A 157 -11.16 6.07 -12.03
N GLU A 158 -10.47 5.43 -12.97
CA GLU A 158 -9.36 6.11 -13.60
C GLU A 158 -9.87 7.28 -14.45
N VAL A 159 -10.98 7.10 -15.18
CA VAL A 159 -11.54 8.17 -16.01
C VAL A 159 -11.95 9.38 -15.12
N ASN A 160 -12.56 9.11 -13.96
CA ASN A 160 -12.89 10.19 -13.03
C ASN A 160 -11.64 10.93 -12.52
N ALA A 161 -10.61 10.19 -12.12
CA ALA A 161 -9.39 10.79 -11.61
C ALA A 161 -8.77 11.74 -12.66
N LEU A 162 -8.72 11.28 -13.90
CA LEU A 162 -8.12 12.05 -14.98
C LEU A 162 -8.99 13.28 -15.30
N ALA A 163 -10.32 13.12 -15.26
CA ALA A 163 -11.24 14.21 -15.56
C ALA A 163 -11.10 15.33 -14.52
N VAL A 164 -10.94 14.97 -13.26
CA VAL A 164 -10.70 15.96 -12.20
C VAL A 164 -9.30 16.61 -12.33
N ALA A 165 -8.31 15.81 -12.66
CA ALA A 165 -6.94 16.29 -12.83
C ALA A 165 -6.88 17.29 -13.96
N ASN A 166 -7.61 17.01 -15.05
CA ASN A 166 -7.63 17.81 -16.27
C ASN A 166 -8.68 18.94 -16.26
N LYS A 167 -9.32 19.15 -15.12
CA LYS A 167 -10.30 20.21 -14.93
C LYS A 167 -11.52 20.12 -15.83
N GLN A 168 -11.95 18.91 -16.15
CA GLN A 168 -13.17 18.67 -16.93
C GLN A 168 -14.39 18.40 -16.03
N VAL A 169 -14.17 17.90 -14.82
CA VAL A 169 -15.19 17.68 -13.84
CA VAL A 169 -15.23 17.75 -13.85
C VAL A 169 -14.71 18.30 -12.52
N ASP A 170 -15.61 18.91 -11.75
CA ASP A 170 -15.20 19.52 -10.49
C ASP A 170 -14.89 18.53 -9.36
N VAL A 171 -15.81 17.60 -9.11
CA VAL A 171 -15.64 16.60 -8.06
CA VAL A 171 -15.68 16.63 -8.05
C VAL A 171 -16.04 15.25 -8.61
N ALA A 172 -15.36 14.20 -8.15
CA ALA A 172 -15.69 12.84 -8.59
C ALA A 172 -15.47 11.83 -7.49
N THR A 173 -16.03 10.64 -7.69
CA THR A 173 -15.76 9.53 -6.80
C THR A 173 -14.48 8.80 -7.24
N PHE A 174 -13.85 8.14 -6.29
CA PHE A 174 -12.57 7.50 -6.49
C PHE A 174 -12.34 6.58 -5.28
N ASN A 175 -11.16 6.00 -5.15
CA ASN A 175 -10.87 5.14 -4.03
C ASN A 175 -9.36 5.11 -3.77
N THR A 176 -9.00 4.66 -2.58
CA THR A 176 -7.60 4.69 -2.15
C THR A 176 -6.68 3.76 -2.94
N GLU A 177 -7.20 2.64 -3.43
CA GLU A 177 -6.38 1.74 -4.25
C GLU A 177 -6.09 2.35 -5.63
N GLY A 178 -7.12 2.93 -6.25
CA GLY A 178 -6.95 3.66 -7.51
C GLY A 178 -5.98 4.83 -7.38
N GLU A 180 -3.41 5.05 -5.24
CA GLU A 180 -2.06 4.50 -5.21
C GLU A 180 -1.61 4.09 -6.60
N ARG A 181 -2.50 3.49 -7.39
CA ARG A 181 -2.17 3.15 -8.77
C ARG A 181 -1.86 4.36 -9.63
N LEU A 182 -2.65 5.42 -9.50
CA LEU A 182 -2.45 6.61 -10.31
C LEU A 182 -1.15 7.30 -9.91
N GLU A 183 -0.83 7.27 -8.60
CA GLU A 183 0.41 7.86 -8.11
C GLU A 183 1.62 7.18 -8.77
N LEU A 184 1.51 5.87 -9.00
CA LEU A 184 2.56 5.13 -9.71
C LEU A 184 2.54 5.38 -11.22
N THR A 185 1.38 5.19 -11.87
CA THR A 185 1.36 5.20 -13.32
C THR A 185 1.34 6.62 -13.88
N GLN A 186 0.66 7.56 -13.21
CA GLN A 186 0.56 8.95 -13.70
C GLN A 186 0.69 9.99 -12.59
N PRO A 187 1.86 10.06 -11.97
CA PRO A 187 2.08 10.98 -10.88
C PRO A 187 1.72 12.42 -11.22
N GLU A 188 1.94 12.87 -12.46
CA GLU A 188 1.58 14.25 -12.85
C GLU A 188 0.07 14.52 -12.70
N LYS A 189 -0.75 13.50 -12.94
CA LYS A 189 -2.19 13.61 -12.69
C LYS A 189 -2.54 13.53 -11.22
N ALA A 190 -1.92 12.61 -10.47
CA ALA A 190 -2.17 12.48 -9.02
C ALA A 190 -1.84 13.78 -8.32
N ARG A 191 -0.80 14.46 -8.81
CA ARG A 191 -0.39 15.74 -8.24
C ARG A 191 -1.44 16.85 -8.40
N GLN A 192 -2.38 16.68 -9.33
CA GLN A 192 -3.45 17.66 -9.55
C GLN A 192 -4.64 17.43 -8.60
N LEU A 193 -4.63 16.30 -7.89
CA LEU A 193 -5.79 15.88 -7.09
C LEU A 193 -5.62 16.13 -5.60
N LYS A 194 -6.71 16.51 -4.94
CA LYS A 194 -6.78 16.49 -3.48
C LYS A 194 -8.00 15.68 -3.05
N VAL A 195 -7.94 15.10 -1.86
CA VAL A 195 -9.05 14.32 -1.32
C VAL A 195 -9.87 15.22 -0.42
N ILE A 196 -11.17 15.31 -0.67
CA ILE A 196 -12.05 16.13 0.16
C ILE A 196 -13.01 15.33 1.03
N TRP A 197 -13.04 14.02 0.86
CA TRP A 197 -13.90 13.15 1.66
C TRP A 197 -13.37 11.73 1.63
N LYS A 198 -13.47 11.03 2.77
CA LYS A 198 -13.09 9.64 2.89
C LYS A 198 -14.18 8.86 3.60
N SER A 199 -14.52 7.71 3.04
CA SER A 199 -15.62 6.87 3.53
C SER A 199 -15.19 5.98 4.70
N PRO A 200 -16.15 5.28 5.29
CA PRO A 200 -15.76 4.17 6.15
C PRO A 200 -15.13 3.02 5.35
N LEU A 201 -14.42 2.15 6.06
CA LEU A 201 -13.73 1.02 5.45
C LEU A 201 -14.67 0.11 4.68
N ILE A 202 -14.20 -0.35 3.52
CA ILE A 202 -14.86 -1.29 2.66
C ILE A 202 -13.98 -2.55 2.66
N PRO A 203 -14.58 -3.74 2.79
CA PRO A 203 -13.82 -4.97 2.86
C PRO A 203 -13.12 -5.27 1.53
N GLY A 204 -12.10 -6.12 1.57
CA GLY A 204 -11.34 -6.47 0.39
C GLY A 204 -12.19 -7.14 -0.67
N ASP A 205 -11.79 -6.94 -1.90
CA ASP A 205 -12.47 -7.51 -3.09
C ASP A 205 -12.46 -9.03 -3.09
N PRO A 206 -13.60 -9.64 -3.43
CA PRO A 206 -13.65 -11.07 -3.54
C PRO A 206 -13.28 -11.55 -4.92
N LEU A 207 -12.95 -12.83 -5.03
CA LEU A 207 -12.86 -13.53 -6.30
CA LEU A 207 -12.85 -13.53 -6.31
C LEU A 207 -14.11 -14.41 -6.41
N VAL A 208 -14.71 -14.43 -7.59
CA VAL A 208 -16.01 -15.10 -7.78
C VAL A 208 -15.91 -16.00 -8.98
N TRP A 209 -16.49 -17.19 -8.88
CA TRP A 209 -16.62 -18.04 -10.06
C TRP A 209 -18.07 -18.28 -10.35
N ARG A 210 -18.32 -18.65 -11.60
CA ARG A 210 -19.64 -19.10 -11.96
C ARG A 210 -19.84 -20.48 -11.34
N ASN A 211 -20.98 -20.69 -10.72
CA ASN A 211 -21.17 -21.89 -9.89
C ASN A 211 -21.35 -23.18 -10.67
N ASN A 212 -21.49 -23.09 -12.00
CA ASN A 212 -21.49 -24.27 -12.89
C ASN A 212 -20.15 -24.61 -13.49
N LEU A 213 -19.07 -23.94 -13.06
CA LEU A 213 -17.71 -24.38 -13.42
C LEU A 213 -17.54 -25.83 -12.93
N SER A 214 -16.72 -26.61 -13.63
CA SER A 214 -16.50 -28.03 -13.24
C SER A 214 -15.80 -28.12 -11.88
N ASP A 215 -16.03 -29.24 -11.20
CA ASP A 215 -15.31 -29.54 -9.96
C ASP A 215 -13.81 -29.43 -10.12
N GLU A 216 -13.29 -29.99 -11.20
CA GLU A 216 -11.86 -29.97 -11.44
C GLU A 216 -11.33 -28.53 -11.50
N GLN A 217 -12.02 -27.66 -12.23
CA GLN A 217 -11.59 -26.29 -12.36
C GLN A 217 -11.66 -25.58 -11.00
N LYS A 218 -12.77 -25.76 -10.27
CA LYS A 218 -12.93 -25.16 -8.96
C LYS A 218 -11.81 -25.59 -8.03
N ASN A 219 -11.49 -26.87 -8.02
CA ASN A 219 -10.48 -27.35 -7.09
C ASN A 219 -9.09 -26.85 -7.45
N LYS A 220 -8.75 -26.85 -8.74
CA LYS A 220 -7.44 -26.37 -9.18
CA LYS A 220 -7.44 -26.36 -9.17
C LYS A 220 -7.31 -24.87 -8.92
N LEU A 221 -8.40 -24.14 -9.10
CA LEU A 221 -8.36 -22.69 -8.85
CA LEU A 221 -8.40 -22.68 -8.84
C LEU A 221 -8.23 -22.39 -7.35
N ARG A 222 -8.92 -23.14 -6.50
CA ARG A 222 -8.75 -22.98 -5.08
C ARG A 222 -7.31 -23.26 -4.70
N ASP A 223 -6.77 -24.37 -5.19
CA ASP A 223 -5.40 -24.72 -4.88
C ASP A 223 -4.47 -23.59 -5.32
N PHE A 224 -4.68 -23.04 -6.51
CA PHE A 224 -3.78 -22.01 -7.04
C PHE A 224 -3.79 -20.73 -6.16
N PHE A 225 -4.96 -20.22 -5.89
CA PHE A 225 -5.08 -18.96 -5.17
C PHE A 225 -4.57 -19.09 -3.75
N PHE A 226 -4.91 -20.17 -3.06
CA PHE A 226 -4.53 -20.25 -1.64
C PHE A 226 -3.07 -20.56 -1.44
N LYS A 227 -2.45 -21.21 -2.40
CA LYS A 227 -0.99 -21.52 -2.33
C LYS A 227 -0.10 -20.43 -2.96
N TYR A 228 -0.69 -19.42 -3.63
CA TYR A 228 0.09 -18.40 -4.32
C TYR A 228 0.83 -17.44 -3.38
N GLY A 229 2.04 -17.05 -3.80
CA GLY A 229 2.91 -16.17 -3.04
C GLY A 229 4.09 -16.88 -2.37
N ALA A 230 4.45 -18.04 -2.88
CA ALA A 230 5.43 -18.91 -2.26
C ALA A 230 6.90 -18.50 -2.51
N ASN A 231 7.17 -17.68 -3.50
CA ASN A 231 8.56 -17.32 -3.84
C ASN A 231 8.65 -15.87 -4.32
N ALA A 232 9.86 -15.42 -4.67
CA ALA A 232 10.11 -14.02 -5.04
C ALA A 232 9.27 -13.58 -6.23
N GLU A 233 9.26 -14.40 -7.27
CA GLU A 233 8.50 -14.14 -8.49
C GLU A 233 7.00 -13.89 -8.20
N GLN A 234 6.40 -14.76 -7.40
CA GLN A 234 4.98 -14.64 -7.09
C GLN A 234 4.71 -13.47 -6.16
N LYS A 235 5.60 -13.25 -5.20
CA LYS A 235 5.50 -12.11 -4.31
C LYS A 235 5.55 -10.79 -5.08
N LYS A 236 6.37 -10.70 -6.14
CA LYS A 236 6.40 -9.50 -6.95
C LYS A 236 5.08 -9.30 -7.68
N VAL A 237 4.55 -10.37 -8.28
CA VAL A 237 3.25 -10.32 -8.95
C VAL A 237 2.17 -9.79 -8.00
N LEU A 238 2.11 -10.35 -6.79
CA LEU A 238 1.13 -9.91 -5.80
C LEU A 238 1.31 -8.44 -5.48
N ALA A 239 2.55 -8.03 -5.21
CA ALA A 239 2.84 -6.65 -4.83
C ALA A 239 2.40 -5.70 -5.94
N ASP A 240 2.64 -6.06 -7.20
CA ASP A 240 2.25 -5.18 -8.30
C ASP A 240 0.72 -5.07 -8.45
N LEU A 241 0.00 -6.11 -8.01
CA LEU A 241 -1.46 -6.08 -7.92
C LEU A 241 -1.96 -5.43 -6.62
N GLN A 242 -1.05 -4.96 -5.77
CA GLN A 242 -1.38 -4.30 -4.50
C GLN A 242 -1.95 -5.23 -3.42
N TRP A 243 -1.57 -6.49 -3.53
CA TRP A 243 -1.98 -7.51 -2.61
C TRP A 243 -0.81 -8.12 -1.89
N SER A 244 -1.08 -8.70 -0.74
CA SER A 244 -0.15 -9.54 0.01
C SER A 244 -0.44 -11.01 -0.17
N LYS A 245 -1.72 -11.38 -0.29
CA LYS A 245 -2.15 -12.78 -0.38
C LYS A 245 -3.62 -12.91 -0.72
N PHE A 246 -4.05 -14.14 -0.94
CA PHE A 246 -5.47 -14.46 -1.07
C PHE A 246 -5.84 -15.32 0.11
N GLN A 247 -7.05 -15.12 0.61
CA GLN A 247 -7.57 -15.95 1.67
C GLN A 247 -8.95 -16.49 1.33
N ALA A 248 -9.37 -17.53 2.06
CA ALA A 248 -10.64 -18.16 1.75
C ALA A 248 -11.75 -17.19 2.13
N SER A 249 -12.83 -17.18 1.34
CA SER A 249 -14.02 -16.39 1.67
C SER A 249 -15.24 -17.10 1.12
N ASP A 250 -16.41 -16.53 1.36
CA ASP A 250 -17.67 -17.12 0.87
C ASP A 250 -18.70 -16.02 0.66
N ASP A 251 -19.90 -16.38 0.23
CA ASP A 251 -20.94 -15.38 -0.07
C ASP A 251 -21.31 -14.53 1.11
N ASP A 252 -21.11 -15.02 2.33
CA ASP A 252 -21.46 -14.19 3.51
C ASP A 252 -20.55 -12.96 3.73
N GLN A 253 -19.43 -12.90 3.03
CA GLN A 253 -18.64 -11.70 2.95
C GLN A 253 -19.53 -10.53 2.55
N LEU A 254 -20.53 -10.79 1.71
CA LEU A 254 -21.41 -9.73 1.19
C LEU A 254 -22.50 -9.28 2.15
N LEU A 255 -22.67 -9.91 3.30
CA LEU A 255 -23.79 -9.52 4.19
C LEU A 255 -23.83 -8.01 4.53
N PRO A 256 -22.70 -7.40 5.00
CA PRO A 256 -22.71 -5.95 5.27
C PRO A 256 -22.84 -5.09 4.03
N ILE A 257 -22.44 -5.62 2.87
CA ILE A 257 -22.57 -4.89 1.61
C ILE A 257 -24.05 -4.87 1.20
N ARG A 258 -24.70 -5.99 1.31
CA ARG A 258 -26.14 -6.08 1.12
C ARG A 258 -26.89 -5.15 2.10
N GLN A 259 -26.42 -5.08 3.33
CA GLN A 259 -27.04 -4.20 4.31
C GLN A 259 -26.93 -2.74 3.87
N LEU A 260 -25.74 -2.32 3.45
CA LEU A 260 -25.51 -0.97 2.96
C LEU A 260 -26.37 -0.70 1.72
N GLU A 261 -26.41 -1.66 0.80
CA GLU A 261 -27.27 -1.52 -0.38
C GLU A 261 -28.72 -1.28 0.00
N LEU A 262 -29.22 -2.01 0.98
CA LEU A 262 -30.62 -1.87 1.38
C LEU A 262 -30.83 -0.56 2.16
N PHE A 263 -29.86 -0.17 2.98
CA PHE A 263 -29.92 1.14 3.64
C PHE A 263 -30.05 2.28 2.60
N LYS A 264 -29.25 2.18 1.55
CA LYS A 264 -29.31 3.14 0.46
C LYS A 264 -30.65 3.15 -0.25
N GLN A 265 -31.12 1.99 -0.68
CA GLN A 265 -32.40 1.90 -1.40
CA GLN A 265 -32.40 1.90 -1.40
C GLN A 265 -33.54 2.45 -0.55
N ARG A 266 -33.56 2.06 0.71
CA ARG A 266 -34.57 2.52 1.67
C ARG A 266 -34.57 4.03 1.90
N THR A 267 -33.38 4.57 2.13
CA THR A 267 -33.23 5.99 2.35
C THR A 267 -33.56 6.75 1.06
N ASP A 268 -33.11 6.24 -0.08
CA ASP A 268 -33.46 6.85 -1.36
C ASP A 268 -34.99 6.92 -1.56
N VAL A 269 -35.69 5.83 -1.24
CA VAL A 269 -37.16 5.78 -1.34
C VAL A 269 -37.79 6.78 -0.36
N ALA A 270 -37.32 6.78 0.89
CA ALA A 270 -37.86 7.69 1.90
C ALA A 270 -37.65 9.14 1.49
N ASN A 271 -36.49 9.43 0.91
CA ASN A 271 -36.16 10.78 0.44
C ASN A 271 -36.98 11.25 -0.76
N ASN A 272 -37.61 10.31 -1.45
CA ASN A 272 -38.19 10.62 -2.74
C ASN A 272 -39.55 11.29 -2.52
N ALA A 273 -39.56 12.61 -2.67
CA ALA A 273 -40.80 13.40 -2.49
C ALA A 273 -41.78 13.24 -3.65
N ASN A 274 -41.40 12.54 -4.70
CA ASN A 274 -42.35 12.35 -5.82
C ASN A 274 -43.32 11.22 -5.58
N LEU A 275 -43.00 10.32 -4.67
CA LEU A 275 -43.80 9.13 -4.46
C LEU A 275 -45.05 9.48 -3.66
N GLY A 276 -46.18 8.86 -3.97
CA GLY A 276 -47.40 8.99 -3.16
C GLY A 276 -47.26 8.25 -1.83
N ALA A 277 -48.15 8.56 -0.89
CA ALA A 277 -48.07 8.02 0.47
C ALA A 277 -48.11 6.50 0.46
N GLU A 278 -49.02 5.93 -0.32
CA GLU A 278 -49.20 4.48 -0.33
C GLU A 278 -48.11 3.76 -1.11
N GLU A 279 -47.72 4.35 -2.22
CA GLU A 279 -46.61 3.85 -3.04
C GLU A 279 -45.33 3.80 -2.17
N LYS A 280 -45.06 4.88 -1.44
CA LYS A 280 -43.87 4.91 -0.59
C LYS A 280 -43.97 3.88 0.54
N ALA A 281 -45.13 3.82 1.23
CA ALA A 281 -45.31 2.90 2.36
C ALA A 281 -45.13 1.46 1.92
N ALA A 282 -45.63 1.13 0.73
CA ALA A 282 -45.54 -0.22 0.17
C ALA A 282 -44.08 -0.59 -0.12
N LYS A 283 -43.35 0.32 -0.77
CA LYS A 283 -41.92 0.07 -1.06
C LYS A 283 -41.07 -0.07 0.20
N LEU A 284 -41.25 0.84 1.16
CA LEU A 284 -40.49 0.77 2.40
C LEU A 284 -40.84 -0.47 3.21
N LYS A 285 -42.11 -0.89 3.22
CA LYS A 285 -42.44 -2.13 3.92
C LYS A 285 -41.65 -3.31 3.33
N ALA A 286 -41.66 -3.42 2.01
CA ALA A 286 -40.90 -4.47 1.29
C ALA A 286 -39.40 -4.41 1.63
N LEU A 287 -38.81 -3.23 1.53
CA LEU A 287 -37.38 -3.07 1.87
C LEU A 287 -37.08 -3.39 3.32
N ASP A 288 -37.95 -2.95 4.26
CA ASP A 288 -37.75 -3.31 5.67
C ASP A 288 -37.86 -4.81 5.94
N GLU A 289 -38.72 -5.51 5.21
CA GLU A 289 -38.78 -6.98 5.33
C GLU A 289 -37.47 -7.63 4.85
N GLU A 290 -36.94 -7.17 3.71
CA GLU A 290 -35.64 -7.67 3.23
C GLU A 290 -34.55 -7.38 4.25
N LEU A 291 -34.55 -6.19 4.84
CA LEU A 291 -33.55 -5.83 5.87
C LEU A 291 -33.68 -6.71 7.12
N ALA A 292 -34.92 -6.96 7.56
CA ALA A 292 -35.17 -7.82 8.72
C ALA A 292 -34.60 -9.22 8.49
N LYS A 293 -34.93 -9.81 7.34
CA LYS A 293 -34.39 -11.13 6.97
CA LYS A 293 -34.39 -11.13 6.97
C LYS A 293 -32.84 -11.14 6.95
N LEU A 294 -32.24 -10.09 6.38
CA LEU A 294 -30.80 -10.02 6.28
C LEU A 294 -30.17 -9.90 7.67
N GLU A 295 -30.74 -9.06 8.51
CA GLU A 295 -30.13 -8.81 9.82
C GLU A 295 -30.29 -10.00 10.77
N LYS A 296 -31.34 -10.79 10.58
CA LYS A 296 -31.47 -12.06 11.28
C LYS A 296 -30.34 -12.98 10.88
N ARG A 297 -30.08 -13.12 9.59
CA ARG A 297 -28.97 -13.97 9.12
CA ARG A 297 -28.99 -13.97 9.13
C ARG A 297 -27.65 -13.49 9.70
N ALA A 299 -27.23 -11.78 12.47
CA ALA A 299 -27.26 -12.07 13.90
C ALA A 299 -26.91 -13.53 14.17
N GLU A 300 -27.42 -14.42 13.32
CA GLU A 300 -27.14 -15.85 13.44
C GLU A 300 -25.67 -16.16 13.35
N ARG A 301 -25.03 -15.54 12.35
CA ARG A 301 -23.60 -15.69 12.09
C ARG A 301 -22.72 -15.14 13.25
N GLU A 302 -23.06 -13.96 13.77
CA GLU A 302 -22.36 -13.36 14.93
C GLU A 302 -22.54 -14.13 16.26
N GLN A 303 -23.73 -14.74 16.45
CA GLN A 303 -24.03 -15.56 17.65
C GLN A 303 -23.43 -16.96 17.62
N LYS A 304 -23.16 -17.49 16.42
CA LYS A 304 -22.41 -18.76 16.30
C LYS A 304 -20.91 -18.53 16.59
N THR A 305 -20.41 -17.33 16.26
CA THR A 305 -19.07 -16.90 16.68
C THR A 305 -19.03 -16.64 18.22
N ALA A 306 -20.16 -16.20 18.79
CA ALA A 306 -20.32 -16.09 20.25
C ALA A 306 -20.30 -17.48 20.94
N ALA A 307 -21.23 -18.38 20.57
CA ALA A 307 -21.35 -19.71 21.20
C ALA A 307 -20.78 -20.81 20.33
N ASP B 2 29.30 -10.73 -22.98
CA ASP B 2 30.63 -11.26 -22.59
C ASP B 2 30.99 -10.96 -21.12
N GLN B 3 30.50 -9.84 -20.58
CA GLN B 3 30.99 -9.31 -19.29
C GLN B 3 30.35 -9.95 -18.05
N PRO B 4 31.14 -10.07 -16.96
CA PRO B 4 30.54 -10.57 -15.70
C PRO B 4 29.50 -9.59 -15.17
N VAL B 5 28.47 -10.12 -14.50
CA VAL B 5 27.34 -9.34 -14.04
C VAL B 5 27.48 -9.00 -12.56
N ILE B 6 27.18 -7.76 -12.20
CA ILE B 6 27.05 -7.36 -10.81
C ILE B 6 25.58 -7.03 -10.59
N ASN B 7 24.93 -7.78 -9.69
CA ASN B 7 23.56 -7.53 -9.33
C ASN B 7 23.52 -6.59 -8.14
N PHE B 8 23.06 -5.37 -8.39
CA PHE B 8 23.10 -4.30 -7.38
C PHE B 8 21.72 -4.10 -6.73
N GLY B 9 21.60 -4.48 -5.45
CA GLY B 9 20.31 -4.34 -4.75
C GLY B 9 20.05 -2.91 -4.31
N ILE B 10 18.80 -2.46 -4.47
CA ILE B 10 18.39 -1.09 -4.14
C ILE B 10 17.08 -1.22 -3.36
N ILE B 11 17.11 -0.90 -2.07
CA ILE B 11 15.95 -1.05 -1.19
C ILE B 11 14.79 -0.16 -1.63
N SER B 12 13.58 -0.64 -1.33
CA SER B 12 12.31 -0.07 -1.82
C SER B 12 11.83 1.18 -1.08
N THR B 13 12.69 2.21 -0.98
CA THR B 13 12.30 3.47 -0.36
C THR B 13 11.28 4.23 -1.23
N GLU B 14 11.32 3.94 -2.54
CA GLU B 14 10.41 4.53 -3.52
C GLU B 14 10.11 3.47 -4.57
N SER B 15 9.21 3.76 -5.50
CA SER B 15 8.95 2.84 -6.62
C SER B 15 10.22 2.58 -7.44
N SER B 16 10.30 1.38 -8.03
CA SER B 16 11.39 1.06 -8.95
CA SER B 16 11.41 1.06 -8.93
C SER B 16 11.55 2.09 -10.05
N GLN B 17 10.43 2.60 -10.58
CA GLN B 17 10.54 3.58 -11.67
C GLN B 17 11.22 4.85 -11.16
N ASN B 18 10.91 5.25 -9.94
CA ASN B 18 11.57 6.43 -9.38
C ASN B 18 13.05 6.14 -9.15
N LEU B 19 13.33 4.98 -8.55
CA LEU B 19 14.72 4.61 -8.21
C LEU B 19 15.57 4.52 -9.48
N LYS B 20 15.02 3.87 -10.51
CA LYS B 20 15.72 3.76 -11.79
C LYS B 20 16.23 5.11 -12.27
N SER B 21 15.39 6.14 -12.16
CA SER B 21 15.70 7.45 -12.74
C SER B 21 16.96 8.06 -12.15
N ILE B 22 17.19 7.86 -10.86
CA ILE B 22 18.42 8.36 -10.22
C ILE B 22 19.57 7.32 -10.10
N TRP B 23 19.21 6.03 -10.11
CA TRP B 23 20.18 4.96 -9.99
C TRP B 23 20.83 4.54 -11.32
N GLU B 24 20.05 4.44 -12.39
CA GLU B 24 20.62 3.94 -13.65
C GLU B 24 21.87 4.68 -14.13
N PRO B 25 21.93 6.02 -13.96
CA PRO B 25 23.13 6.77 -14.35
C PRO B 25 24.38 6.37 -13.57
N PHE B 26 24.17 6.10 -12.27
CA PHE B 26 25.21 5.68 -11.37
C PHE B 26 25.69 4.28 -11.73
N LEU B 27 24.74 3.37 -11.95
CA LEU B 27 25.04 2.01 -12.35
C LEU B 27 25.73 1.96 -13.73
N LYS B 28 25.33 2.84 -14.64
CA LYS B 28 25.96 2.94 -15.97
C LYS B 28 27.46 3.27 -15.82
N ASP B 29 27.77 4.32 -15.05
CA ASP B 29 29.15 4.71 -14.74
C ASP B 29 29.92 3.57 -14.11
N SER B 31 29.43 0.32 -14.44
CA SER B 31 29.72 -0.64 -15.51
C SER B 31 30.90 -0.16 -16.35
N GLN B 32 30.85 1.10 -16.77
CA GLN B 32 31.91 1.71 -17.60
C GLN B 32 33.27 1.69 -16.90
N GLN B 33 33.29 1.97 -15.60
CA GLN B 33 34.54 2.03 -14.87
CA GLN B 33 34.53 2.03 -14.85
C GLN B 33 35.04 0.65 -14.47
N THR B 34 34.16 -0.21 -14.01
CA THR B 34 34.60 -1.50 -13.55
C THR B 34 34.75 -2.53 -14.65
N GLY B 35 34.10 -2.31 -15.79
CA GLY B 35 34.03 -3.32 -16.84
C GLY B 35 33.07 -4.48 -16.54
N TYR B 36 32.22 -4.35 -15.52
CA TYR B 36 31.19 -5.35 -15.22
C TYR B 36 29.86 -4.87 -15.80
N GLN B 37 28.97 -5.79 -16.13
CA GLN B 37 27.60 -5.38 -16.49
C GLN B 37 26.79 -5.26 -15.18
N VAL B 38 26.61 -4.03 -14.68
CA VAL B 38 25.84 -3.79 -13.43
C VAL B 38 24.32 -3.72 -13.70
N LYS B 39 23.54 -4.59 -13.06
CA LYS B 39 22.06 -4.61 -13.21
C LYS B 39 21.38 -4.34 -11.85
N ALA B 40 20.42 -3.40 -11.83
CA ALA B 40 19.62 -3.10 -10.61
C ALA B 40 18.87 -4.33 -10.21
N PHE B 41 18.74 -4.59 -8.91
CA PHE B 41 17.88 -5.68 -8.37
C PHE B 41 16.91 -5.03 -7.37
N PHE B 42 15.61 -5.14 -7.63
CA PHE B 42 14.59 -4.52 -6.81
C PHE B 42 13.74 -5.61 -6.15
N ALA B 43 13.00 -5.24 -5.11
CA ALA B 43 12.05 -6.17 -4.51
C ALA B 43 10.91 -5.37 -3.88
N PRO B 44 9.78 -6.01 -3.55
CA PRO B 44 8.65 -5.29 -2.95
C PRO B 44 8.94 -4.70 -1.59
N ASP B 45 9.88 -5.31 -0.85
CA ASP B 45 10.22 -4.86 0.49
C ASP B 45 11.72 -5.05 0.70
N TYR B 46 12.22 -4.59 1.83
CA TYR B 46 13.67 -4.67 2.09
C TYR B 46 14.12 -6.15 2.24
N ALA B 47 13.23 -7.00 2.79
CA ALA B 47 13.50 -8.44 2.94
C ALA B 47 13.86 -9.14 1.62
N GLY B 48 13.29 -8.67 0.50
CA GLY B 48 13.61 -9.25 -0.81
C GLY B 48 15.06 -9.05 -1.23
N ILE B 49 15.65 -7.92 -0.84
CA ILE B 49 17.05 -7.64 -1.11
C ILE B 49 17.91 -8.53 -0.22
N ILE B 50 17.57 -8.59 1.07
CA ILE B 50 18.32 -9.38 2.07
C ILE B 50 18.36 -10.86 1.68
N GLN B 51 17.20 -11.42 1.40
CA GLN B 51 17.07 -12.81 0.97
C GLN B 51 17.73 -13.07 -0.39
N GLY B 52 17.65 -12.11 -1.30
CA GLY B 52 18.39 -12.16 -2.53
C GLY B 52 19.88 -12.30 -2.30
N ARG B 54 21.24 -13.36 0.45
CA ARG B 54 21.46 -14.62 1.14
C ARG B 54 21.66 -15.79 0.17
N PHE B 55 21.01 -15.76 -0.98
CA PHE B 55 21.16 -16.84 -1.97
C PHE B 55 22.02 -16.41 -3.16
N ASP B 56 22.88 -15.41 -2.96
CA ASP B 56 23.87 -14.96 -3.94
C ASP B 56 23.24 -14.46 -5.23
N LYS B 57 22.01 -13.98 -5.14
CA LYS B 57 21.32 -13.32 -6.26
C LYS B 57 21.53 -11.82 -6.27
N VAL B 58 22.06 -11.28 -5.16
CA VAL B 58 22.43 -9.87 -5.05
C VAL B 58 23.90 -9.89 -4.59
N ASP B 59 24.76 -9.13 -5.26
CA ASP B 59 26.19 -9.12 -4.94
C ASP B 59 26.61 -7.96 -4.05
N ILE B 60 25.97 -6.82 -4.27
CA ILE B 60 26.20 -5.61 -3.51
C ILE B 60 24.86 -4.88 -3.43
N ALA B 61 24.61 -4.23 -2.30
CA ALA B 61 23.34 -3.52 -2.10
C ALA B 61 23.53 -2.22 -1.35
N TRP B 62 22.68 -1.27 -1.65
CA TRP B 62 22.49 -0.09 -0.83
C TRP B 62 21.37 -0.45 0.12
N TYR B 63 21.66 -0.41 1.42
CA TYR B 63 20.70 -0.76 2.46
C TYR B 63 20.61 0.38 3.47
N GLY B 64 19.49 0.45 4.19
CA GLY B 64 19.46 1.21 5.43
C GLY B 64 20.19 0.40 6.50
N ASN B 65 20.43 1.02 7.65
CA ASN B 65 21.25 0.42 8.70
C ASN B 65 20.67 -0.88 9.29
N LYS B 66 19.36 -0.89 9.56
CA LYS B 66 18.73 -2.11 10.06
C LYS B 66 18.83 -3.22 9.02
N ALA B 67 18.56 -2.93 7.75
CA ALA B 67 18.63 -3.98 6.74
C ALA B 67 20.06 -4.50 6.57
N ALA B 68 21.06 -3.60 6.67
CA ALA B 68 22.46 -4.01 6.63
C ALA B 68 22.81 -4.96 7.77
N GLU B 70 20.68 -6.99 9.32
CA GLU B 70 20.09 -8.28 8.98
C GLU B 70 20.90 -8.99 7.91
N ALA B 71 21.43 -8.24 6.94
CA ALA B 71 22.24 -8.84 5.86
C ALA B 71 23.57 -9.41 6.39
N VAL B 72 24.20 -8.68 7.30
CA VAL B 72 25.41 -9.17 7.97
C VAL B 72 25.08 -10.42 8.77
N ASP B 73 23.95 -10.44 9.46
CA ASP B 73 23.60 -11.57 10.34
C ASP B 73 23.00 -12.77 9.62
N ARG B 74 22.30 -12.57 8.51
CA ARG B 74 21.54 -13.66 7.86
CA ARG B 74 21.57 -13.69 7.85
C ARG B 74 21.92 -13.91 6.39
N ALA B 75 22.63 -12.96 5.76
CA ALA B 75 22.90 -13.02 4.29
C ALA B 75 24.38 -12.94 3.96
N HIS B 76 25.23 -13.32 4.91
CA HIS B 76 26.69 -13.24 4.79
C HIS B 76 27.20 -11.91 4.20
N GLY B 77 26.63 -10.82 4.67
CA GLY B 77 26.98 -9.50 4.17
C GLY B 77 28.14 -8.91 4.94
N GLU B 78 28.76 -7.92 4.32
CA GLU B 78 29.84 -7.14 4.95
C GLU B 78 29.75 -5.71 4.48
N ILE B 79 29.83 -4.76 5.41
CA ILE B 79 29.88 -3.34 5.05
C ILE B 79 31.27 -2.97 4.60
N PHE B 80 31.39 -2.27 3.46
CA PHE B 80 32.70 -1.79 2.99
C PHE B 80 32.72 -0.26 2.76
N ALA B 81 31.55 0.38 2.73
CA ALA B 81 31.49 1.80 2.44
C ALA B 81 30.28 2.41 3.11
N GLN B 82 30.27 3.74 3.20
CA GLN B 82 29.11 4.43 3.75
C GLN B 82 28.85 5.69 2.92
N THR B 83 27.57 6.05 2.75
CA THR B 83 27.17 7.22 2.03
C THR B 83 27.25 8.44 2.94
N VAL B 84 27.49 9.59 2.33
CA VAL B 84 27.60 10.85 3.07
C VAL B 84 26.62 11.85 2.41
N ALA B 85 25.83 12.54 3.23
CA ALA B 85 24.79 13.43 2.72
C ALA B 85 25.38 14.54 1.85
N ALA B 86 24.66 14.86 0.76
CA ALA B 86 25.04 15.94 -0.15
C ALA B 86 25.22 17.23 0.64
N SER B 87 24.40 17.41 1.69
CA SER B 87 24.43 18.61 2.52
C SER B 87 25.61 18.70 3.46
N GLY B 88 26.33 17.61 3.64
CA GLY B 88 27.34 17.54 4.68
C GLY B 88 26.84 17.17 6.06
N ALA B 89 25.52 17.01 6.23
CA ALA B 89 24.93 16.52 7.47
C ALA B 89 25.55 15.16 7.86
N PRO B 90 25.73 14.92 9.18
CA PRO B 90 26.33 13.66 9.65
C PRO B 90 25.40 12.44 9.65
N GLY B 91 24.18 12.62 9.14
CA GLY B 91 23.24 11.50 9.04
C GLY B 91 21.88 12.01 8.62
N TYR B 92 20.83 11.27 8.96
CA TYR B 92 19.45 11.68 8.60
C TYR B 92 18.53 11.39 9.77
N TRP B 93 17.26 11.70 9.61
CA TRP B 93 16.34 11.58 10.72
C TRP B 93 15.06 10.89 10.34
N SER B 94 14.53 10.11 11.28
CA SER B 94 13.19 9.52 11.18
C SER B 94 12.14 10.60 11.51
N LEU B 95 10.97 10.49 10.88
CA LEU B 95 9.87 11.41 11.08
C LEU B 95 8.57 10.64 11.33
N LEU B 96 7.70 11.19 12.18
CA LEU B 96 6.26 10.89 12.07
C LEU B 96 5.56 12.09 11.37
N ILE B 97 4.72 11.75 10.40
CA ILE B 97 4.00 12.74 9.58
C ILE B 97 2.49 12.59 9.73
N ALA B 98 1.78 13.72 9.72
CA ALA B 98 0.33 13.78 9.64
C ALA B 98 -0.04 14.72 8.49
N ASN B 99 -1.32 14.74 8.13
CA ASN B 99 -1.76 15.66 7.12
C ASN B 99 -1.92 17.04 7.79
N LYS B 100 -1.46 18.11 7.12
CA LYS B 100 -1.62 19.44 7.69
C LYS B 100 -3.08 19.84 7.99
N ASP B 101 -4.05 19.22 7.35
CA ASP B 101 -5.46 19.57 7.60
C ASP B 101 -6.01 18.97 8.89
N SER B 102 -5.32 17.99 9.45
CA SER B 102 -5.86 17.29 10.62
C SER B 102 -5.47 18.02 11.89
N LYS B 103 -6.15 17.65 12.98
CA LYS B 103 -5.85 18.20 14.31
C LYS B 103 -4.71 17.46 15.02
N ILE B 104 -4.12 16.42 14.40
CA ILE B 104 -3.03 15.73 15.07
CA ILE B 104 -3.02 15.70 15.04
C ILE B 104 -1.75 16.53 14.81
N ASP B 105 -1.29 17.24 15.83
CA ASP B 105 -0.15 18.15 15.70
C ASP B 105 1.09 17.76 16.52
N SER B 106 1.03 16.68 17.27
CA SER B 106 2.17 16.30 18.09
C SER B 106 2.12 14.81 18.35
N LEU B 107 3.21 14.31 18.91
CA LEU B 107 3.27 12.91 19.31
C LEU B 107 2.17 12.60 20.30
N GLU B 108 1.99 13.50 21.27
CA GLU B 108 0.95 13.30 22.26
C GLU B 108 -0.46 13.27 21.69
N ASP B 109 -0.76 14.14 20.72
CA ASP B 109 -2.08 14.08 20.06
C ASP B 109 -2.27 12.71 19.45
N LEU B 111 -0.75 9.73 20.22
CA LEU B 111 -0.90 8.64 21.18
C LEU B 111 -2.23 8.74 21.93
N ALA B 112 -2.61 9.95 22.34
CA ALA B 112 -3.90 10.15 23.03
C ALA B 112 -5.07 9.65 22.21
N ASN B 113 -5.02 9.89 20.90
CA ASN B 113 -6.12 9.58 19.99
C ASN B 113 -5.95 8.31 19.16
N ALA B 114 -4.96 7.50 19.54
CA ALA B 114 -4.56 6.34 18.75
C ALA B 114 -5.74 5.46 18.32
N LYS B 115 -6.68 5.25 19.24
CA LYS B 115 -7.81 4.35 19.03
C LYS B 115 -8.70 4.77 17.88
N SER B 116 -8.69 6.05 17.50
CA SER B 116 -9.49 6.53 16.35
CA SER B 116 -9.48 6.56 16.37
C SER B 116 -8.67 6.69 15.06
N LEU B 117 -7.38 6.37 15.09
CA LEU B 117 -6.50 6.66 13.95
C LEU B 117 -5.99 5.45 13.19
N THR B 118 -5.71 5.67 11.91
CA THR B 118 -5.10 4.66 11.06
C THR B 118 -3.65 5.04 10.93
N PHE B 119 -2.78 4.10 11.27
CA PHE B 119 -1.33 4.33 11.34
C PHE B 119 -0.62 3.57 10.25
N GLY B 120 0.18 4.30 9.45
CA GLY B 120 1.01 3.68 8.43
C GLY B 120 2.40 3.46 8.99
N ASN B 121 2.64 2.28 9.56
CA ASN B 121 3.96 1.87 10.04
C ASN B 121 4.86 1.48 8.85
N GLY B 122 6.14 1.36 9.09
CA GLY B 122 7.09 1.10 7.98
C GLY B 122 7.38 -0.37 7.71
N ASP B 123 8.26 -0.57 6.75
CA ASP B 123 8.87 -1.86 6.44
C ASP B 123 9.53 -2.38 7.71
N PRO B 124 9.25 -3.62 8.10
CA PRO B 124 9.82 -4.09 9.38
C PRO B 124 11.35 -4.10 9.39
N ASN B 125 11.99 -4.09 8.23
CA ASN B 125 13.46 -3.98 8.16
C ASN B 125 14.00 -2.56 7.96
N SER B 126 13.16 -1.56 8.21
CA SER B 126 13.53 -0.17 8.04
C SER B 126 14.01 0.42 9.34
N THR B 127 15.12 1.13 9.26
CA THR B 127 15.68 1.84 10.41
C THR B 127 14.77 2.98 10.82
N SER B 128 14.54 3.94 9.91
CA SER B 128 13.67 5.11 10.17
C SER B 128 12.16 4.85 10.17
N GLY B 129 11.74 3.81 9.45
CA GLY B 129 10.36 3.45 9.33
C GLY B 129 9.81 2.54 10.39
N TYR B 130 10.69 1.86 11.13
CA TYR B 130 10.26 0.83 12.06
C TYR B 130 11.04 0.81 13.36
N LEU B 131 12.35 0.60 13.29
CA LEU B 131 13.18 0.47 14.48
C LEU B 131 13.21 1.74 15.34
N VAL B 132 13.54 2.87 14.72
CA VAL B 132 13.72 4.12 15.45
C VAL B 132 12.41 4.58 16.14
N PRO B 133 11.30 4.73 15.39
CA PRO B 133 10.06 5.06 16.08
C PRO B 133 9.59 3.92 16.96
N GLY B 134 9.81 2.68 16.53
CA GLY B 134 9.46 1.51 17.35
C GLY B 134 10.04 1.59 18.77
N TYR B 135 11.27 2.10 18.89
CA TYR B 135 11.88 2.30 20.20
C TYR B 135 11.46 3.63 20.83
N TYR B 136 11.77 4.76 20.17
CA TYR B 136 11.67 6.06 20.85
C TYR B 136 10.23 6.50 21.05
N VAL B 137 9.33 6.11 20.16
CA VAL B 137 7.92 6.47 20.30
C VAL B 137 7.19 5.35 21.00
N PHE B 138 7.21 4.16 20.43
CA PHE B 138 6.34 3.08 20.93
C PHE B 138 6.84 2.32 22.19
N ALA B 139 8.05 1.75 22.17
CA ALA B 139 8.52 1.03 23.36
C ALA B 139 8.64 1.97 24.56
N LYS B 140 9.23 3.14 24.33
CA LYS B 140 9.50 4.09 25.40
C LYS B 140 8.23 4.59 26.09
N ASN B 141 7.15 4.72 25.32
CA ASN B 141 5.85 5.17 25.80
C ASN B 141 4.90 4.03 26.16
N ASN B 142 5.42 2.80 26.10
CA ASN B 142 4.64 1.59 26.33
C ASN B 142 3.33 1.57 25.53
N VAL B 143 3.44 1.77 24.21
CA VAL B 143 2.26 1.75 23.31
C VAL B 143 2.56 0.75 22.19
N ASP B 144 1.70 -0.25 22.03
CA ASP B 144 1.94 -1.28 21.02
C ASP B 144 1.17 -0.82 19.79
N PRO B 145 1.87 -0.42 18.73
CA PRO B 145 1.09 0.14 17.62
C PRO B 145 -0.01 -0.82 17.09
N VAL B 146 0.31 -2.10 16.96
CA VAL B 146 -0.67 -3.06 16.45
C VAL B 146 -1.95 -3.10 17.27
N LYS B 147 -1.88 -2.89 18.58
CA LYS B 147 -3.08 -2.91 19.42
C LYS B 147 -3.68 -1.53 19.69
N ALA B 148 -2.88 -0.47 19.66
CA ALA B 148 -3.32 0.84 20.12
C ALA B 148 -4.15 1.61 19.08
N PHE B 149 -3.81 1.43 17.82
CA PHE B 149 -4.47 2.15 16.74
C PHE B 149 -5.72 1.44 16.27
N LYS B 150 -6.61 2.17 15.62
CA LYS B 150 -7.80 1.54 15.03
CA LYS B 150 -7.80 1.57 15.00
C LYS B 150 -7.34 0.51 14.02
N ARG B 151 -6.30 0.85 13.26
CA ARG B 151 -5.63 -0.16 12.46
C ARG B 151 -4.24 0.30 12.09
N THR B 152 -3.40 -0.68 11.78
CA THR B 152 -1.99 -0.46 11.49
CA THR B 152 -2.00 -0.44 11.46
C THR B 152 -1.62 -1.16 10.16
N LEU B 153 -0.95 -0.44 9.29
CA LEU B 153 -0.48 -0.90 8.01
C LEU B 153 1.03 -0.91 8.01
N ASN B 154 1.61 -1.59 7.02
CA ASN B 154 3.09 -1.57 6.85
C ASN B 154 3.37 -1.33 5.37
N SER B 155 4.12 -0.26 5.06
CA SER B 155 4.36 0.21 3.70
C SER B 155 5.72 0.89 3.60
N SER B 156 6.16 1.15 2.37
CA SER B 156 7.41 1.81 2.12
C SER B 156 7.31 3.29 2.50
N HIS B 157 8.47 3.94 2.59
CA HIS B 157 8.47 5.37 2.89
C HIS B 157 7.56 6.17 1.91
N GLU B 158 7.78 6.03 0.61
CA GLU B 158 6.99 6.78 -0.36
C GLU B 158 5.50 6.49 -0.25
N VAL B 159 5.12 5.22 -0.15
CA VAL B 159 3.71 4.83 -0.06
C VAL B 159 3.07 5.48 1.18
N ASN B 160 3.75 5.42 2.32
CA ASN B 160 3.31 6.11 3.54
C ASN B 160 3.10 7.60 3.38
N ALA B 161 4.07 8.28 2.78
CA ALA B 161 3.98 9.76 2.68
C ALA B 161 2.79 10.15 1.81
N LEU B 162 2.62 9.45 0.69
CA LEU B 162 1.54 9.69 -0.24
C LEU B 162 0.21 9.32 0.40
N ALA B 163 0.21 8.25 1.20
CA ALA B 163 -1.01 7.80 1.89
C ALA B 163 -1.50 8.86 2.91
N VAL B 164 -0.56 9.56 3.52
CA VAL B 164 -0.89 10.68 4.41
C VAL B 164 -1.40 11.92 3.63
N ALA B 165 -0.68 12.28 2.59
CA ALA B 165 -1.06 13.41 1.75
C ALA B 165 -2.44 13.18 1.14
N ASN B 166 -2.70 11.95 0.71
CA ASN B 166 -3.98 11.58 0.07
C ASN B 166 -5.07 11.07 1.05
N LYS B 167 -4.83 11.28 2.36
CA LYS B 167 -5.78 10.99 3.45
C LYS B 167 -6.23 9.55 3.59
N GLN B 168 -5.45 8.58 3.13
CA GLN B 168 -5.75 7.18 3.34
C GLN B 168 -5.40 6.77 4.78
N VAL B 169 -4.31 7.30 5.34
CA VAL B 169 -3.91 6.98 6.73
C VAL B 169 -3.74 8.31 7.44
N ASP B 170 -3.93 8.33 8.74
CA ASP B 170 -3.85 9.56 9.54
C ASP B 170 -2.43 9.99 9.93
N VAL B 171 -1.57 9.02 10.24
CA VAL B 171 -0.25 9.28 10.70
C VAL B 171 0.63 8.18 10.11
N ALA B 172 1.89 8.49 9.83
CA ALA B 172 2.81 7.46 9.31
C ALA B 172 4.25 7.76 9.63
N THR B 173 5.07 6.71 9.54
CA THR B 173 6.53 6.88 9.62
C THR B 173 7.06 7.28 8.25
N PHE B 174 8.18 8.00 8.28
CA PHE B 174 8.86 8.57 7.09
C PHE B 174 10.28 8.95 7.51
N ASN B 175 10.99 9.71 6.67
CA ASN B 175 12.32 10.15 6.98
C ASN B 175 12.67 11.37 6.16
N THR B 176 13.72 12.08 6.58
CA THR B 176 14.07 13.35 5.95
C THR B 176 14.64 13.20 4.54
N GLU B 177 15.26 12.07 4.21
CA GLU B 177 15.77 11.81 2.85
C GLU B 177 14.61 11.54 1.87
N GLY B 178 13.63 10.72 2.29
CA GLY B 178 12.34 10.56 1.55
C GLY B 178 11.61 11.87 1.35
N GLU B 180 12.88 14.93 1.21
CA GLU B 180 13.58 15.70 0.18
C GLU B 180 13.24 15.19 -1.20
N ARG B 181 13.25 13.86 -1.38
CA ARG B 181 12.85 13.26 -2.66
C ARG B 181 11.39 13.54 -3.08
N LEU B 182 10.50 13.52 -2.11
CA LEU B 182 9.09 13.81 -2.36
C LEU B 182 8.93 15.29 -2.76
N GLU B 183 9.68 16.19 -2.10
CA GLU B 183 9.64 17.63 -2.48
C GLU B 183 10.05 17.86 -3.92
N LEU B 184 11.02 17.08 -4.39
CA LEU B 184 11.43 17.15 -5.79
C LEU B 184 10.38 16.52 -6.73
N THR B 185 9.88 15.33 -6.43
CA THR B 185 9.00 14.59 -7.36
C THR B 185 7.51 14.99 -7.31
N GLN B 186 7.00 15.21 -6.11
CA GLN B 186 5.59 15.56 -5.89
C GLN B 186 5.48 16.65 -4.84
N PRO B 187 5.97 17.88 -5.16
CA PRO B 187 5.93 18.98 -4.19
C PRO B 187 4.55 19.25 -3.62
N GLU B 188 3.51 19.07 -4.43
CA GLU B 188 2.14 19.28 -3.99
C GLU B 188 1.78 18.31 -2.85
N LYS B 189 2.32 17.08 -2.90
CA LYS B 189 2.01 16.10 -1.85
C LYS B 189 2.86 16.36 -0.62
N ALA B 190 4.14 16.68 -0.82
CA ALA B 190 4.98 17.01 0.34
C ALA B 190 4.42 18.18 1.13
N ARG B 191 3.85 19.16 0.42
CA ARG B 191 3.22 20.31 1.04
C ARG B 191 2.10 19.97 1.98
N GLN B 192 1.45 18.83 1.78
CA GLN B 192 0.32 18.42 2.63
C GLN B 192 0.75 17.79 3.93
N LEU B 193 2.05 17.53 4.09
CA LEU B 193 2.53 16.84 5.26
C LEU B 193 2.98 17.78 6.37
N LYS B 194 2.74 17.37 7.60
CA LYS B 194 3.20 18.07 8.76
C LYS B 194 4.06 17.09 9.56
N VAL B 195 5.26 17.48 9.92
CA VAL B 195 6.09 16.68 10.81
C VAL B 195 5.61 16.83 12.24
N ILE B 196 5.22 15.74 12.89
CA ILE B 196 4.78 15.84 14.30
C ILE B 196 5.86 15.29 15.28
N TRP B 197 6.90 14.65 14.74
CA TRP B 197 7.96 14.11 15.58
C TRP B 197 9.19 13.84 14.72
N LYS B 198 10.37 14.06 15.28
CA LYS B 198 11.62 13.89 14.55
C LYS B 198 12.53 13.18 15.50
N SER B 199 13.22 12.15 15.01
CA SER B 199 14.05 11.28 15.87
C SER B 199 15.42 11.88 16.14
N PRO B 200 16.21 11.21 17.01
CA PRO B 200 17.63 11.48 17.00
C PRO B 200 18.30 11.07 15.70
N LEU B 201 19.48 11.61 15.48
CA LEU B 201 20.28 11.34 14.29
C LEU B 201 20.49 9.85 14.07
N ILE B 202 20.38 9.45 12.80
CA ILE B 202 20.64 8.08 12.33
C ILE B 202 21.83 8.17 11.39
N PRO B 203 22.80 7.26 11.51
CA PRO B 203 23.98 7.35 10.61
C PRO B 203 23.63 7.07 9.16
N GLY B 204 24.53 7.48 8.27
CA GLY B 204 24.35 7.28 6.84
C GLY B 204 24.31 5.83 6.46
N ASP B 205 23.59 5.55 5.37
CA ASP B 205 23.43 4.21 4.85
C ASP B 205 24.73 3.59 4.44
N PRO B 206 24.92 2.32 4.79
CA PRO B 206 26.09 1.61 4.29
C PRO B 206 25.85 0.97 2.93
N LEU B 207 26.96 0.67 2.25
CA LEU B 207 26.94 -0.24 1.11
CA LEU B 207 26.97 -0.23 1.09
C LEU B 207 27.53 -1.57 1.58
N VAL B 208 26.88 -2.66 1.17
CA VAL B 208 27.18 -3.97 1.70
C VAL B 208 27.37 -4.94 0.54
N TRP B 209 28.43 -5.75 0.60
CA TRP B 209 28.59 -6.83 -0.37
C TRP B 209 28.41 -8.21 0.27
N ARG B 210 28.06 -9.22 -0.53
CA ARG B 210 28.15 -10.58 0.01
C ARG B 210 29.63 -10.91 0.16
N ASN B 211 29.98 -11.50 1.30
CA ASN B 211 31.39 -11.66 1.66
C ASN B 211 32.15 -12.70 0.82
N ASN B 212 31.41 -13.49 0.05
CA ASN B 212 31.98 -14.45 -0.89
C ASN B 212 32.12 -13.93 -2.32
N LEU B 213 31.98 -12.62 -2.53
CA LEU B 213 32.41 -12.04 -3.81
C LEU B 213 33.91 -12.30 -4.02
N SER B 214 34.37 -12.34 -5.26
CA SER B 214 35.80 -12.56 -5.54
C SER B 214 36.66 -11.36 -5.07
N ASP B 215 37.92 -11.62 -4.77
CA ASP B 215 38.86 -10.54 -4.44
C ASP B 215 38.84 -9.48 -5.51
N GLU B 216 38.84 -9.91 -6.77
CA GLU B 216 38.92 -8.97 -7.89
C GLU B 216 37.71 -8.02 -7.87
N GLN B 217 36.52 -8.60 -7.69
CA GLN B 217 35.31 -7.79 -7.59
C GLN B 217 35.38 -6.79 -6.41
N LYS B 218 35.74 -7.31 -5.25
CA LYS B 218 35.81 -6.44 -4.07
C LYS B 218 36.79 -5.28 -4.29
N ASN B 219 37.96 -5.59 -4.86
CA ASN B 219 38.96 -4.57 -5.10
C ASN B 219 38.49 -3.54 -6.11
N LYS B 220 37.86 -3.98 -7.19
CA LYS B 220 37.35 -3.02 -8.19
CA LYS B 220 37.35 -3.03 -8.20
C LYS B 220 36.18 -2.21 -7.64
N LEU B 221 35.33 -2.83 -6.82
CA LEU B 221 34.22 -2.08 -6.22
C LEU B 221 34.76 -1.02 -5.27
N ARG B 222 35.74 -1.37 -4.45
CA ARG B 222 36.34 -0.39 -3.56
C ARG B 222 36.93 0.78 -4.36
N ASP B 223 37.68 0.46 -5.42
CA ASP B 223 38.30 1.50 -6.24
C ASP B 223 37.21 2.41 -6.80
N PHE B 224 36.14 1.82 -7.31
CA PHE B 224 35.07 2.64 -7.91
C PHE B 224 34.43 3.60 -6.90
N PHE B 225 33.93 3.05 -5.79
CA PHE B 225 33.22 3.87 -4.82
C PHE B 225 34.09 4.95 -4.19
N PHE B 226 35.31 4.59 -3.82
CA PHE B 226 36.16 5.57 -3.16
C PHE B 226 36.75 6.60 -4.10
N LYS B 227 36.84 6.29 -5.39
CA LYS B 227 37.37 7.26 -6.35
C LYS B 227 36.25 8.03 -7.07
N TYR B 228 34.98 7.65 -6.87
CA TYR B 228 33.82 8.30 -7.54
C TYR B 228 33.55 9.70 -7.07
N GLY B 229 33.17 10.59 -7.99
CA GLY B 229 32.96 12.02 -7.70
C GLY B 229 34.05 12.94 -8.25
N ALA B 230 34.78 12.47 -9.25
CA ALA B 230 36.01 13.14 -9.73
C ALA B 230 35.80 14.30 -10.72
N ASN B 231 34.65 14.32 -11.39
CA ASN B 231 34.33 15.35 -12.36
C ASN B 231 32.87 15.78 -12.26
N ALA B 232 32.42 16.70 -13.10
CA ALA B 232 31.09 17.29 -13.00
C ALA B 232 29.99 16.24 -13.20
N GLU B 233 30.22 15.35 -14.17
CA GLU B 233 29.27 14.29 -14.48
C GLU B 233 29.02 13.41 -13.25
N GLN B 234 30.10 12.99 -12.60
CA GLN B 234 30.02 12.10 -11.42
C GLN B 234 29.39 12.80 -10.22
N LYS B 235 29.75 14.07 -10.03
CA LYS B 235 29.19 14.89 -8.97
C LYS B 235 27.70 15.11 -9.13
N LYS B 236 27.23 15.25 -10.37
CA LYS B 236 25.80 15.41 -10.66
CA LYS B 236 25.81 15.42 -10.63
C LYS B 236 25.03 14.14 -10.28
N VAL B 237 25.59 12.98 -10.67
CA VAL B 237 25.00 11.69 -10.34
C VAL B 237 24.89 11.54 -8.82
N LEU B 238 25.96 11.88 -8.11
CA LEU B 238 25.96 11.91 -6.64
C LEU B 238 24.88 12.85 -6.08
N ALA B 239 24.81 14.07 -6.62
CA ALA B 239 23.84 15.09 -6.18
C ALA B 239 22.41 14.59 -6.29
N ASP B 240 22.11 13.94 -7.40
CA ASP B 240 20.77 13.40 -7.64
C ASP B 240 20.45 12.23 -6.70
N LEU B 241 21.47 11.54 -6.21
CA LEU B 241 21.30 10.50 -5.18
C LEU B 241 21.32 11.06 -3.75
N GLN B 242 21.43 12.38 -3.63
CA GLN B 242 21.44 13.09 -2.33
C GLN B 242 22.73 12.84 -1.50
N TRP B 243 23.82 12.55 -2.20
CA TRP B 243 25.11 12.26 -1.58
C TRP B 243 26.19 13.19 -2.06
N SER B 244 27.16 13.44 -1.19
CA SER B 244 28.39 14.15 -1.56
C SER B 244 29.50 13.21 -2.01
N LYS B 245 29.57 12.04 -1.39
CA LYS B 245 30.65 11.11 -1.64
C LYS B 245 30.38 9.79 -0.95
N PHE B 246 31.25 8.83 -1.23
CA PHE B 246 31.31 7.60 -0.46
C PHE B 246 32.60 7.61 0.35
N GLN B 247 32.51 7.05 1.56
CA GLN B 247 33.67 6.92 2.43
C GLN B 247 33.76 5.50 2.92
N ALA B 248 34.97 5.08 3.30
CA ALA B 248 35.18 3.74 3.80
C ALA B 248 34.41 3.52 5.10
N SER B 249 33.93 2.30 5.29
CA SER B 249 33.25 1.93 6.53
C SER B 249 33.41 0.45 6.75
N ASP B 250 32.87 -0.04 7.86
CA ASP B 250 33.01 -1.46 8.19
C ASP B 250 31.81 -1.88 9.03
N ASP B 251 31.77 -3.15 9.43
CA ASP B 251 30.61 -3.68 10.21
C ASP B 251 30.35 -2.96 11.52
N ASP B 252 31.40 -2.39 12.11
CA ASP B 252 31.25 -1.69 13.38
C ASP B 252 30.39 -0.44 13.30
N GLN B 253 30.15 0.04 12.08
CA GLN B 253 29.17 1.09 11.87
C GLN B 253 27.83 0.70 12.54
N LEU B 254 27.53 -0.60 12.54
CA LEU B 254 26.28 -1.10 13.06
C LEU B 254 26.20 -1.21 14.58
N LEU B 255 27.30 -1.04 15.31
CA LEU B 255 27.24 -1.28 16.75
C LEU B 255 26.12 -0.48 17.48
N PRO B 256 25.98 0.84 17.21
CA PRO B 256 24.88 1.61 17.82
C PRO B 256 23.50 1.22 17.35
N ILE B 257 23.42 0.70 16.14
CA ILE B 257 22.15 0.22 15.58
C ILE B 257 21.77 -1.09 16.30
N ARG B 258 22.75 -1.97 16.49
CA ARG B 258 22.55 -3.19 17.30
C ARG B 258 22.14 -2.83 18.73
N GLN B 259 22.71 -1.77 19.29
CA GLN B 259 22.37 -1.41 20.65
C GLN B 259 20.92 -0.96 20.71
N LEU B 260 20.50 -0.14 19.73
CA LEU B 260 19.13 0.34 19.67
C LEU B 260 18.18 -0.81 19.46
N GLU B 261 18.56 -1.77 18.61
CA GLU B 261 17.75 -2.97 18.45
C GLU B 261 17.54 -3.72 19.78
N LEU B 262 18.62 -3.88 20.53
CA LEU B 262 18.54 -4.55 21.82
C LEU B 262 17.78 -3.73 22.87
N PHE B 263 17.93 -2.41 22.87
CA PHE B 263 17.13 -1.56 23.77
C PHE B 263 15.66 -1.79 23.46
N LYS B 264 15.33 -1.85 22.17
CA LYS B 264 13.96 -2.08 21.77
C LYS B 264 13.46 -3.42 22.22
N GLN B 265 14.20 -4.48 21.94
CA GLN B 265 13.75 -5.80 22.37
C GLN B 265 13.62 -5.86 23.88
N ARG B 266 14.55 -5.26 24.59
CA ARG B 266 14.51 -5.31 26.04
C ARG B 266 13.29 -4.60 26.62
N THR B 267 13.03 -3.38 26.14
CA THR B 267 11.89 -2.61 26.53
C THR B 267 10.55 -3.27 26.14
N ASP B 268 10.48 -3.86 24.94
CA ASP B 268 9.29 -4.64 24.57
C ASP B 268 9.07 -5.81 25.57
N VAL B 269 10.14 -6.50 25.96
CA VAL B 269 10.00 -7.60 26.94
C VAL B 269 9.54 -7.05 28.31
N ALA B 270 10.16 -5.97 28.77
CA ALA B 270 9.81 -5.36 30.05
C ALA B 270 8.35 -4.94 30.07
N ASN B 271 7.91 -4.37 28.95
CA ASN B 271 6.55 -3.87 28.77
C ASN B 271 5.50 -4.94 28.66
N ASN B 272 5.90 -6.19 28.40
CA ASN B 272 4.95 -7.26 28.15
C ASN B 272 4.35 -7.75 29.44
N ALA B 273 3.09 -7.38 29.68
CA ALA B 273 2.43 -7.76 30.92
C ALA B 273 1.97 -9.21 30.93
N ASN B 274 2.09 -9.91 29.81
CA ASN B 274 1.66 -11.29 29.74
C ASN B 274 2.69 -12.33 30.12
N LEU B 275 3.92 -11.91 30.32
CA LEU B 275 4.98 -12.83 30.68
C LEU B 275 4.93 -13.07 32.19
N GLY B 276 5.36 -14.25 32.62
CA GLY B 276 5.51 -14.55 34.04
C GLY B 276 6.70 -13.82 34.63
N ALA B 277 6.69 -13.65 35.96
CA ALA B 277 7.73 -12.92 36.70
C ALA B 277 9.12 -13.49 36.44
N GLU B 278 9.25 -14.82 36.61
CA GLU B 278 10.52 -15.51 36.39
C GLU B 278 10.90 -15.51 34.93
N GLU B 279 9.92 -15.72 34.08
CA GLU B 279 10.13 -15.74 32.64
C GLU B 279 10.68 -14.39 32.20
N LYS B 280 10.02 -13.32 32.63
CA LYS B 280 10.48 -11.99 32.27
C LYS B 280 11.88 -11.68 32.85
N ALA B 281 12.08 -12.00 34.14
CA ALA B 281 13.35 -11.73 34.80
C ALA B 281 14.51 -12.43 34.09
N ALA B 282 14.33 -13.69 33.66
CA ALA B 282 15.37 -14.40 32.91
C ALA B 282 15.63 -13.78 31.55
N LYS B 283 14.56 -13.40 30.83
CA LYS B 283 14.69 -12.79 29.48
C LYS B 283 15.47 -11.47 29.53
N LEU B 284 15.13 -10.64 30.52
CA LEU B 284 15.72 -9.33 30.64
C LEU B 284 17.21 -9.45 31.02
N LYS B 285 17.51 -10.37 31.92
CA LYS B 285 18.89 -10.68 32.28
C LYS B 285 19.71 -11.09 31.05
N ALA B 286 19.15 -12.00 30.25
CA ALA B 286 19.85 -12.48 29.04
C ALA B 286 20.12 -11.32 28.08
N LEU B 287 19.11 -10.48 27.85
CA LEU B 287 19.29 -9.31 26.99
C LEU B 287 20.32 -8.34 27.57
N ASP B 288 20.31 -8.14 28.88
CA ASP B 288 21.28 -7.26 29.53
C ASP B 288 22.71 -7.78 29.39
N GLU B 289 22.91 -9.09 29.41
CA GLU B 289 24.25 -9.65 29.16
C GLU B 289 24.66 -9.42 27.72
N GLU B 290 23.72 -9.56 26.78
CA GLU B 290 24.01 -9.25 25.37
C GLU B 290 24.43 -7.79 25.20
N LEU B 291 23.69 -6.89 25.86
CA LEU B 291 24.00 -5.46 25.84
C LEU B 291 25.36 -5.16 26.46
N ALA B 292 25.68 -5.81 27.58
CA ALA B 292 26.97 -5.63 28.25
C ALA B 292 28.11 -6.04 27.33
N LYS B 293 27.95 -7.18 26.67
CA LYS B 293 28.94 -7.67 25.73
CA LYS B 293 28.93 -7.68 25.72
C LYS B 293 29.08 -6.67 24.55
N LEU B 294 27.95 -6.20 24.02
CA LEU B 294 28.01 -5.22 22.94
C LEU B 294 28.67 -3.94 23.39
N GLU B 295 28.29 -3.43 24.55
CA GLU B 295 28.79 -2.12 25.00
C GLU B 295 30.29 -2.16 25.36
N LYS B 296 30.78 -3.33 25.74
CA LYS B 296 32.22 -3.51 25.96
C LYS B 296 32.95 -3.37 24.64
N ARG B 297 32.40 -4.00 23.61
CA ARG B 297 32.96 -3.92 22.25
C ARG B 297 32.93 -2.46 21.76
N ALA B 299 33.02 0.34 23.63
CA ALA B 299 34.07 1.03 24.36
C ALA B 299 35.44 0.76 23.72
N GLU B 300 35.74 -0.51 23.48
CA GLU B 300 36.97 -0.88 22.77
C GLU B 300 37.08 -0.30 21.36
N ARG B 301 36.06 -0.53 20.52
CA ARG B 301 36.12 -0.18 19.09
CA ARG B 301 36.08 -0.19 19.09
C ARG B 301 35.72 1.27 18.78
N GLU B 302 35.64 2.11 19.80
CA GLU B 302 35.48 3.55 19.60
C GLU B 302 36.48 4.14 20.63
N GLN B 303 37.78 3.99 20.36
CA GLN B 303 38.89 4.46 21.27
C GLN B 303 40.19 4.82 20.53
#